data_6Z0W
#
_entry.id   6Z0W
#
_cell.length_a   152.436
_cell.length_b   152.436
_cell.length_c   126.886
_cell.angle_alpha   90.000
_cell.angle_beta   90.000
_cell.angle_gamma   120.000
#
_symmetry.space_group_name_H-M   'H 3 2'
#
loop_
_entity.id
_entity.type
_entity.pdbx_description
1 polymer 'Flagellar biosynthetic protein FlhB'
2 water water
#
_entity_poly.entity_id   1
_entity_poly.type   'polypeptide(L)'
_entity_poly.pdbx_seq_one_letter_code
;MGLAQRRMMAEVPNADVIVVNPEHYAVAVKYDVKRSAAPFVIAKGVDDVAFKIREVAREYNIAIVSAPPLARAIYHTTKL
DQQIPEGLFTAVAQVLAYVFQLRQYQKGRGRKPIPIPLNQPIPDDLKYHHHHHH
;
_entity_poly.pdbx_strand_id   A,B,C,D
#
# COMPACT_ATOMS: atom_id res chain seq x y z
N ALA A 4 -8.07 -22.25 -3.21
CA ALA A 4 -8.94 -21.85 -4.32
C ALA A 4 -10.21 -21.19 -3.78
N GLN A 5 -10.04 -20.01 -3.21
CA GLN A 5 -11.07 -19.29 -2.48
C GLN A 5 -11.25 -17.89 -3.07
N ARG A 6 -12.42 -17.31 -2.84
CA ARG A 6 -12.60 -15.90 -3.14
C ARG A 6 -11.60 -15.07 -2.36
N ARG A 7 -11.30 -15.49 -1.12
CA ARG A 7 -10.35 -14.77 -0.28
C ARG A 7 -8.95 -14.82 -0.87
N MET A 8 -8.55 -15.98 -1.39
CA MET A 8 -7.30 -16.06 -2.13
C MET A 8 -7.36 -15.21 -3.41
N MET A 9 -8.47 -15.26 -4.14
CA MET A 9 -8.55 -14.54 -5.41
C MET A 9 -8.46 -13.04 -5.22
N ALA A 10 -8.99 -12.54 -4.11
CA ALA A 10 -8.88 -11.11 -3.75
C ALA A 10 -7.45 -10.64 -3.55
N GLU A 11 -6.47 -11.56 -3.44
CA GLU A 11 -5.08 -11.18 -3.18
C GLU A 11 -4.23 -11.03 -4.43
N VAL A 12 -4.66 -11.64 -5.54
CA VAL A 12 -3.92 -11.65 -6.81
C VAL A 12 -3.53 -10.24 -7.27
N PRO A 13 -4.36 -9.20 -7.08
CA PRO A 13 -3.90 -7.84 -7.42
C PRO A 13 -2.62 -7.40 -6.72
N ASN A 14 -2.24 -8.03 -5.60
CA ASN A 14 -1.02 -7.60 -4.91
C ASN A 14 0.21 -8.37 -5.36
N ALA A 15 0.08 -9.28 -6.32
CA ALA A 15 1.19 -10.12 -6.75
C ALA A 15 2.21 -9.29 -7.51
N ASP A 16 3.48 -9.71 -7.45
CA ASP A 16 4.47 -9.13 -8.35
C ASP A 16 4.56 -9.88 -9.68
N VAL A 17 4.22 -11.16 -9.70
CA VAL A 17 4.35 -11.99 -10.90
C VAL A 17 3.47 -13.20 -10.72
N ILE A 18 2.96 -13.75 -11.84
CA ILE A 18 2.36 -15.09 -11.89
C ILE A 18 3.30 -15.96 -12.71
N VAL A 19 3.80 -17.03 -12.10
CA VAL A 19 4.56 -18.05 -12.79
C VAL A 19 3.60 -19.15 -13.18
N VAL A 20 3.58 -19.50 -14.47
CA VAL A 20 2.60 -20.45 -14.94
C VAL A 20 3.27 -21.59 -15.69
N ASN A 21 2.53 -22.71 -15.70
CA ASN A 21 2.39 -23.78 -16.69
C ASN A 21 2.23 -25.18 -16.08
N GLU A 23 -3.70 -29.75 -17.96
CA GLU A 23 -3.22 -29.62 -16.59
C GLU A 23 -2.41 -28.32 -16.57
N HIS A 24 -2.95 -27.35 -15.84
CA HIS A 24 -2.47 -25.97 -15.80
C HIS A 24 -2.07 -25.61 -14.38
N TYR A 25 -1.03 -24.79 -14.26
CA TYR A 25 -0.52 -24.32 -12.98
C TYR A 25 -0.38 -22.80 -13.02
N ALA A 26 -0.72 -22.13 -11.92
CA ALA A 26 -0.42 -20.70 -11.75
C ALA A 26 -0.11 -20.46 -10.29
N VAL A 27 0.98 -19.75 -10.01
CA VAL A 27 1.29 -19.32 -8.65
C VAL A 27 1.54 -17.83 -8.66
N ALA A 28 0.77 -17.09 -7.85
CA ALA A 28 0.94 -15.65 -7.72
C ALA A 28 1.97 -15.38 -6.61
N VAL A 29 3.09 -14.79 -7.00
CA VAL A 29 4.23 -14.60 -6.11
C VAL A 29 4.36 -13.13 -5.72
N LYS A 30 4.66 -12.88 -4.44
CA LYS A 30 4.92 -11.52 -3.96
C LYS A 30 6.25 -11.46 -3.23
N TYR A 31 6.98 -10.36 -3.41
CA TYR A 31 8.18 -10.05 -2.66
C TYR A 31 7.92 -8.78 -1.86
N ASP A 32 7.95 -8.89 -0.54
CA ASP A 32 7.67 -7.75 0.32
C ASP A 32 8.62 -7.91 1.50
N VAL A 33 9.80 -7.30 1.40
CA VAL A 33 10.87 -7.59 2.35
C VAL A 33 10.54 -7.08 3.74
N LYS A 34 9.60 -6.13 3.89
CA LYS A 34 9.28 -5.76 5.25
C LYS A 34 8.59 -6.89 6.00
N ARG A 35 8.18 -7.94 5.31
CA ARG A 35 7.51 -9.10 5.87
C ARG A 35 8.39 -10.35 5.83
N SER A 36 9.11 -10.59 4.73
CA SER A 36 9.88 -11.81 4.60
C SER A 36 11.07 -11.61 3.67
N ALA A 37 12.19 -12.23 4.03
CA ALA A 37 13.35 -12.24 3.16
C ALA A 37 13.05 -12.96 1.85
N ALA A 38 12.20 -14.02 1.89
CA ALA A 38 11.98 -14.74 0.63
C ALA A 38 10.61 -14.40 0.03
N PRO A 39 10.46 -14.45 -1.31
CA PRO A 39 9.14 -14.26 -1.89
C PRO A 39 8.16 -15.27 -1.32
N PHE A 40 6.89 -14.90 -1.29
CA PHE A 40 5.86 -15.78 -0.79
C PHE A 40 4.71 -15.91 -1.79
N VAL A 41 3.96 -16.99 -1.65
CA VAL A 41 2.84 -17.26 -2.54
C VAL A 41 1.58 -16.69 -1.91
N ILE A 42 0.86 -15.85 -2.64
CA ILE A 42 -0.38 -15.26 -2.12
C ILE A 42 -1.62 -15.80 -2.83
N ALA A 43 -1.45 -16.53 -3.93
CA ALA A 43 -2.54 -17.27 -4.56
C ALA A 43 -1.93 -18.40 -5.38
N LYS A 44 -2.66 -19.51 -5.48
CA LYS A 44 -2.23 -20.61 -6.33
C LYS A 44 -3.44 -21.45 -6.71
N GLY A 45 -3.35 -22.11 -7.86
CA GLY A 45 -4.42 -22.98 -8.31
C GLY A 45 -3.98 -23.75 -9.52
N VAL A 46 -4.71 -24.82 -9.80
CA VAL A 46 -4.45 -25.54 -11.03
C VAL A 46 -5.65 -25.40 -11.93
N ASP A 47 -5.43 -25.73 -13.20
CA ASP A 47 -6.48 -25.85 -14.20
C ASP A 47 -7.33 -24.58 -14.25
N ASP A 48 -8.63 -24.67 -13.94
CA ASP A 48 -9.50 -23.51 -14.13
C ASP A 48 -9.17 -22.41 -13.14
N VAL A 49 -8.84 -22.78 -11.90
CA VAL A 49 -8.44 -21.78 -10.92
C VAL A 49 -7.17 -21.09 -11.38
N ALA A 50 -6.28 -21.83 -12.05
CA ALA A 50 -5.10 -21.21 -12.62
C ALA A 50 -5.48 -20.15 -13.65
N PHE A 51 -6.48 -20.44 -14.51
CA PHE A 51 -6.87 -19.41 -15.48
C PHE A 51 -7.61 -18.24 -14.83
N LYS A 52 -8.33 -18.44 -13.72
CA LYS A 52 -8.93 -17.29 -13.05
C LYS A 52 -7.84 -16.40 -12.42
N ILE A 53 -6.79 -17.00 -11.87
CA ILE A 53 -5.68 -16.20 -11.39
C ILE A 53 -5.06 -15.41 -12.53
N ARG A 54 -4.82 -16.08 -13.66
CA ARG A 54 -4.21 -15.40 -14.80
C ARG A 54 -5.09 -14.26 -15.31
N GLU A 55 -6.40 -14.47 -15.40
CA GLU A 55 -7.26 -13.41 -15.92
C GLU A 55 -7.25 -12.19 -14.99
N VAL A 56 -7.23 -12.40 -13.66
CA VAL A 56 -7.15 -11.27 -12.74
C VAL A 56 -5.80 -10.58 -12.87
N ALA A 57 -4.73 -11.35 -12.94
CA ALA A 57 -3.41 -10.76 -13.11
C ALA A 57 -3.33 -9.89 -14.37
N ARG A 58 -3.90 -10.37 -15.48
CA ARG A 58 -3.86 -9.57 -16.71
C ARG A 58 -4.71 -8.32 -16.60
N GLU A 59 -5.88 -8.44 -15.97
CA GLU A 59 -6.67 -7.27 -15.67
C GLU A 59 -5.85 -6.20 -14.93
N TYR A 60 -5.01 -6.62 -13.97
CA TYR A 60 -4.23 -5.68 -13.15
C TYR A 60 -2.83 -5.42 -13.71
N ASN A 61 -2.56 -5.83 -14.95
CA ASN A 61 -1.26 -5.64 -15.59
C ASN A 61 -0.14 -6.24 -14.76
N ILE A 62 -0.37 -7.43 -14.21
CA ILE A 62 0.65 -8.15 -13.48
C ILE A 62 1.32 -9.14 -14.42
N ALA A 63 2.66 -9.07 -14.51
CA ALA A 63 3.40 -9.92 -15.43
C ALA A 63 3.10 -11.41 -15.19
N ILE A 64 2.83 -12.11 -16.27
CA ILE A 64 2.62 -13.55 -16.26
C ILE A 64 3.76 -14.16 -17.06
N VAL A 65 4.54 -15.05 -16.45
CA VAL A 65 5.67 -15.61 -17.18
C VAL A 65 5.59 -17.12 -17.12
N SER A 66 5.92 -17.78 -18.23
CA SER A 66 5.87 -19.23 -18.32
C SER A 66 7.27 -19.79 -18.06
N ALA A 67 7.40 -20.51 -16.94
CA ALA A 67 8.57 -21.32 -16.66
C ALA A 67 8.07 -22.60 -16.00
N PRO A 68 7.68 -23.59 -16.79
CA PRO A 68 6.83 -24.73 -16.28
C PRO A 68 7.41 -25.44 -15.07
N PRO A 69 8.70 -25.79 -15.06
CA PRO A 69 9.22 -26.50 -13.88
C PRO A 69 9.24 -25.64 -12.62
N LEU A 70 9.40 -24.33 -12.78
CA LEU A 70 9.39 -23.43 -11.61
C LEU A 70 7.97 -23.27 -11.08
N ALA A 71 7.02 -23.00 -11.97
CA ALA A 71 5.61 -22.94 -11.59
C ALA A 71 5.20 -24.19 -10.81
N ARG A 72 5.54 -25.38 -11.33
CA ARG A 72 5.16 -26.63 -10.66
C ARG A 72 5.89 -26.81 -9.33
N ALA A 73 7.19 -26.54 -9.32
CA ALA A 73 7.96 -26.70 -8.08
C ALA A 73 7.46 -25.75 -7.00
N ILE A 74 7.13 -24.51 -7.35
CA ILE A 74 6.56 -23.59 -6.36
C ILE A 74 5.25 -24.14 -5.84
N TYR A 75 4.33 -24.50 -6.74
CA TYR A 75 3.02 -24.97 -6.33
C TYR A 75 3.12 -26.13 -5.35
N HIS A 76 4.01 -27.10 -5.64
CA HIS A 76 4.10 -28.33 -4.86
C HIS A 76 4.75 -28.14 -3.51
N THR A 77 5.50 -27.05 -3.31
CA THR A 77 6.38 -26.87 -2.16
C THR A 77 6.03 -25.67 -1.28
N THR A 78 5.01 -24.90 -1.64
CA THR A 78 4.71 -23.63 -0.98
C THR A 78 3.21 -23.51 -0.79
N LYS A 79 2.72 -23.57 0.45
CA LYS A 79 1.33 -23.27 0.72
C LYS A 79 1.04 -21.77 0.60
N LEU A 80 -0.25 -21.43 0.59
CA LEU A 80 -0.68 -20.05 0.57
C LEU A 80 -0.06 -19.28 1.74
N ASP A 81 0.44 -18.09 1.44
CA ASP A 81 1.00 -17.17 2.43
C ASP A 81 2.32 -17.66 3.01
N GLN A 82 2.96 -18.63 2.37
CA GLN A 82 4.21 -19.21 2.83
C GLN A 82 5.35 -18.80 1.89
N GLN A 83 6.56 -18.64 2.47
CA GLN A 83 7.73 -18.39 1.63
C GLN A 83 8.10 -19.63 0.82
N ILE A 84 8.52 -19.39 -0.41
CA ILE A 84 9.09 -20.44 -1.26
C ILE A 84 10.28 -21.08 -0.55
N PRO A 85 10.59 -22.34 -0.84
CA PRO A 85 11.80 -22.96 -0.28
C PRO A 85 13.06 -22.24 -0.74
N GLU A 86 14.07 -22.31 0.10
CA GLU A 86 15.35 -21.68 -0.20
C GLU A 86 15.92 -22.18 -1.53
N GLY A 87 15.69 -23.44 -1.90
CA GLY A 87 16.24 -23.94 -3.14
C GLY A 87 15.69 -23.25 -4.39
N LEU A 88 14.58 -22.50 -4.26
CA LEU A 88 13.98 -21.80 -5.38
C LEU A 88 14.21 -20.30 -5.33
N PHE A 89 14.95 -19.80 -4.34
CA PHE A 89 15.06 -18.35 -4.19
C PHE A 89 15.69 -17.72 -5.42
N THR A 90 16.89 -18.17 -5.80
CA THR A 90 17.60 -17.53 -6.89
C THR A 90 16.77 -17.55 -8.17
N ALA A 91 16.09 -18.66 -8.46
CA ALA A 91 15.31 -18.71 -9.69
C ALA A 91 14.15 -17.72 -9.64
N VAL A 92 13.46 -17.62 -8.51
CA VAL A 92 12.37 -16.65 -8.40
C VAL A 92 12.92 -15.22 -8.36
N ALA A 93 14.05 -15.01 -7.69
CA ALA A 93 14.64 -13.68 -7.67
C ALA A 93 15.04 -13.23 -9.08
N GLN A 94 15.44 -14.14 -9.93
CA GLN A 94 15.80 -13.73 -11.28
C GLN A 94 14.56 -13.47 -12.13
N VAL A 95 13.49 -14.24 -11.93
CA VAL A 95 12.21 -13.88 -12.55
C VAL A 95 11.77 -12.49 -12.06
N LEU A 96 11.89 -12.23 -10.77
CA LEU A 96 11.45 -10.93 -10.24
C LEU A 96 12.29 -9.80 -10.82
N ALA A 97 13.61 -10.00 -10.96
CA ALA A 97 14.45 -8.98 -11.57
C ALA A 97 13.96 -8.64 -12.98
N TYR A 98 13.69 -9.66 -13.79
CA TYR A 98 13.17 -9.42 -15.14
C TYR A 98 11.86 -8.65 -15.08
N VAL A 99 10.96 -9.04 -14.19
CA VAL A 99 9.67 -8.33 -14.09
C VAL A 99 9.91 -6.88 -13.72
N PHE A 100 10.75 -6.63 -12.70
CA PHE A 100 10.98 -5.25 -12.26
C PHE A 100 11.68 -4.40 -13.32
N GLN A 101 12.43 -5.03 -14.22
CA GLN A 101 13.17 -4.30 -15.26
C GLN A 101 12.38 -4.12 -16.55
N LEU A 102 11.12 -4.54 -16.59
CA LEU A 102 10.29 -4.37 -17.78
C LEU A 102 10.04 -2.88 -18.04
N ARG A 103 9.97 -2.49 -19.32
CA ARG A 103 9.50 -1.14 -19.60
C ARG A 103 8.03 -1.05 -19.49
N GLN A 104 7.58 0.15 -19.23
CA GLN A 104 6.19 0.48 -19.07
C GLN A 104 5.30 -0.17 -20.13
N ARG A 111 -2.77 -11.80 -24.95
CA ARG A 111 -1.33 -11.93 -24.74
C ARG A 111 -1.01 -13.25 -24.08
N LYS A 112 -0.03 -13.95 -24.62
CA LYS A 112 0.44 -15.18 -24.01
C LYS A 112 1.51 -14.87 -22.96
N PRO A 113 1.67 -15.75 -21.98
CA PRO A 113 2.73 -15.55 -20.98
C PRO A 113 4.09 -15.41 -21.63
N ILE A 114 4.97 -14.68 -20.97
CA ILE A 114 6.35 -14.50 -21.41
C ILE A 114 7.13 -15.77 -21.09
N PRO A 115 7.71 -16.45 -22.08
CA PRO A 115 8.55 -17.61 -21.80
C PRO A 115 9.90 -17.16 -21.28
N ILE A 116 10.26 -17.60 -20.08
CA ILE A 116 11.55 -17.26 -19.50
C ILE A 116 12.32 -18.55 -19.30
N PRO A 117 13.50 -18.71 -19.90
CA PRO A 117 14.31 -19.88 -19.62
C PRO A 117 14.82 -19.81 -18.19
N LEU A 118 14.82 -20.96 -17.53
CA LEU A 118 15.49 -21.09 -16.25
C LEU A 118 17.00 -21.08 -16.47
N ASN A 119 17.73 -20.69 -15.45
CA ASN A 119 19.17 -20.49 -15.60
C ASN A 119 19.95 -21.59 -14.93
N GLN A 120 19.26 -22.52 -14.30
CA GLN A 120 19.85 -23.66 -13.61
C GLN A 120 18.74 -24.67 -13.38
N PRO A 121 19.07 -25.87 -12.97
CA PRO A 121 18.02 -26.87 -12.74
C PRO A 121 17.23 -26.55 -11.49
N ILE A 122 16.00 -27.01 -11.47
CA ILE A 122 15.27 -27.03 -10.20
C ILE A 122 15.73 -28.26 -9.41
N PRO A 123 16.06 -28.10 -8.12
CA PRO A 123 16.68 -29.19 -7.36
C PRO A 123 15.81 -30.44 -7.38
N ASP A 124 16.49 -31.60 -7.41
CA ASP A 124 15.78 -32.87 -7.47
C ASP A 124 14.78 -33.01 -6.33
N ASP A 125 15.14 -32.53 -5.13
CA ASP A 125 14.25 -32.75 -4.00
C ASP A 125 12.96 -31.94 -4.11
N LEU A 126 12.89 -30.97 -5.01
CA LEU A 126 11.68 -30.18 -5.20
C LEU A 126 10.92 -30.61 -6.45
N LYS A 127 11.36 -31.68 -7.11
CA LYS A 127 10.86 -32.18 -8.39
C LYS A 127 10.19 -33.56 -8.23
N TYR A 128 9.82 -34.15 -9.38
CA TYR A 128 9.34 -35.53 -9.45
C TYR A 128 8.09 -35.74 -8.60
N HIS A 129 7.23 -34.72 -8.54
CA HIS A 129 6.05 -34.83 -7.69
C HIS A 129 5.11 -35.93 -8.18
N HIS A 130 5.01 -36.14 -9.50
CA HIS A 130 4.10 -37.12 -10.07
C HIS A 130 4.81 -38.38 -10.58
N HIS A 131 6.09 -38.52 -10.29
CA HIS A 131 6.90 -39.57 -10.90
C HIS A 131 6.71 -40.88 -10.16
N HIS A 132 6.64 -41.99 -10.92
CA HIS A 132 6.55 -43.33 -10.32
C HIS A 132 7.96 -43.88 -10.16
N HIS A 133 8.45 -43.90 -8.94
CA HIS A 133 9.76 -44.50 -8.67
C HIS A 133 9.62 -46.02 -8.63
N HIS A 134 10.64 -46.72 -9.13
CA HIS A 134 10.59 -48.17 -9.16
C HIS A 134 11.00 -48.78 -7.82
N LEU B 3 9.58 16.10 16.95
CA LEU B 3 9.35 14.88 16.20
C LEU B 3 7.88 14.73 15.94
N ALA B 4 7.07 15.58 16.58
CA ALA B 4 5.69 15.74 16.13
C ALA B 4 5.64 16.25 14.68
N GLN B 5 6.47 17.26 14.36
CA GLN B 5 6.60 17.72 12.98
C GLN B 5 7.38 16.73 12.13
N ARG B 6 8.31 15.98 12.73
CA ARG B 6 8.94 14.90 11.99
C ARG B 6 7.91 13.82 11.62
N ARG B 7 6.96 13.55 12.52
CA ARG B 7 5.91 12.58 12.21
C ARG B 7 5.00 13.12 11.13
N MET B 8 4.72 14.43 11.18
CA MET B 8 3.88 15.05 10.16
C MET B 8 4.58 15.08 8.81
N MET B 9 5.89 15.36 8.80
CA MET B 9 6.64 15.35 7.55
C MET B 9 6.62 13.98 6.89
N ALA B 10 6.65 12.91 7.69
CA ALA B 10 6.62 11.55 7.18
C ALA B 10 5.31 11.22 6.49
N GLU B 11 4.30 12.05 6.65
CA GLU B 11 3.02 11.86 5.99
C GLU B 11 2.94 12.56 4.65
N VAL B 12 3.79 13.55 4.40
CA VAL B 12 3.73 14.32 3.15
C VAL B 12 3.76 13.41 1.91
N PRO B 13 4.55 12.32 1.84
CA PRO B 13 4.51 11.49 0.63
C PRO B 13 3.16 10.87 0.33
N ASN B 14 2.23 10.88 1.27
CA ASN B 14 0.89 10.34 1.04
C ASN B 14 -0.07 11.37 0.44
N ALA B 15 0.37 12.61 0.27
CA ALA B 15 -0.52 13.70 -0.18
C ALA B 15 -0.86 13.54 -1.67
N ASP B 16 -2.06 13.96 -2.02
CA ASP B 16 -2.45 14.16 -3.40
C ASP B 16 -2.04 15.52 -3.96
N VAL B 17 -1.96 16.57 -3.14
CA VAL B 17 -1.55 17.88 -3.65
C VAL B 17 -1.01 18.70 -2.50
N ILE B 18 -0.06 19.57 -2.79
CA ILE B 18 0.32 20.64 -1.88
C ILE B 18 -0.29 21.93 -2.40
N VAL B 19 -1.13 22.56 -1.61
CA VAL B 19 -1.68 23.85 -1.97
C VAL B 19 -0.83 24.91 -1.26
N VAL B 20 -0.21 25.80 -2.03
CA VAL B 20 0.71 26.76 -1.43
C VAL B 20 0.23 28.18 -1.73
N ASN B 21 0.75 29.10 -0.91
CA ASN B 21 1.04 30.52 -1.15
C ASN B 21 0.29 31.46 -0.22
N GLU B 23 6.39 33.88 0.25
CA GLU B 23 6.66 32.46 0.47
C GLU B 23 6.44 32.09 1.93
N HIS B 24 5.28 31.48 2.22
CA HIS B 24 4.68 31.52 3.55
C HIS B 24 3.91 30.25 3.95
N TYR B 25 3.05 29.71 3.06
CA TYR B 25 2.05 28.71 3.44
C TYR B 25 2.08 27.46 2.58
N ALA B 26 1.83 26.30 3.20
CA ALA B 26 1.68 25.05 2.47
C ALA B 26 0.78 24.09 3.26
N VAL B 27 -0.23 23.52 2.60
CA VAL B 27 -1.05 22.45 3.15
C VAL B 27 -0.98 21.23 2.23
N ALA B 28 -0.58 20.07 2.79
CA ALA B 28 -0.64 18.79 2.09
C ALA B 28 -2.05 18.22 2.20
N VAL B 29 -2.71 18.04 1.07
CA VAL B 29 -4.11 17.61 1.06
C VAL B 29 -4.21 16.23 0.45
N LYS B 30 -5.01 15.37 1.07
CA LYS B 30 -5.22 14.01 0.62
C LYS B 30 -6.72 13.75 0.48
N TYR B 31 -7.10 13.08 -0.60
CA TYR B 31 -8.48 12.66 -0.83
C TYR B 31 -8.47 11.14 -0.75
N ASP B 32 -9.11 10.60 0.30
CA ASP B 32 -9.13 9.14 0.52
C ASP B 32 -10.56 8.80 0.92
N VAL B 33 -11.37 8.44 -0.07
CA VAL B 33 -12.80 8.32 0.20
C VAL B 33 -13.14 7.15 1.13
N LYS B 34 -12.28 6.13 1.25
CA LYS B 34 -12.56 5.09 2.23
C LYS B 34 -12.51 5.62 3.66
N ARG B 35 -11.88 6.78 3.88
CA ARG B 35 -11.82 7.38 5.21
C ARG B 35 -12.84 8.51 5.39
N SER B 36 -12.92 9.44 4.46
CA SER B 36 -13.90 10.52 4.59
C SER B 36 -14.28 11.07 3.22
N ALA B 37 -15.49 11.64 3.16
CA ALA B 37 -16.00 12.17 1.91
C ALA B 37 -15.34 13.48 1.51
N ALA B 38 -14.80 14.20 2.45
CA ALA B 38 -14.09 15.42 2.10
C ALA B 38 -12.58 15.21 2.14
N PRO B 39 -11.81 15.89 1.29
CA PRO B 39 -10.34 15.88 1.45
C PRO B 39 -9.96 16.37 2.83
N PHE B 40 -8.84 15.89 3.33
CA PHE B 40 -8.37 16.26 4.66
C PHE B 40 -6.90 16.63 4.58
N VAL B 41 -6.44 17.32 5.63
CA VAL B 41 -5.08 17.86 5.67
C VAL B 41 -4.22 16.85 6.43
N ILE B 42 -3.09 16.46 5.83
CA ILE B 42 -2.17 15.51 6.47
C ILE B 42 -0.85 16.15 6.86
N ALA B 43 -0.58 17.37 6.39
CA ALA B 43 0.53 18.20 6.82
C ALA B 43 0.15 19.65 6.55
N LYS B 44 0.63 20.55 7.41
CA LYS B 44 0.48 21.97 7.19
C LYS B 44 1.65 22.67 7.86
N GLY B 45 2.05 23.81 7.32
CA GLY B 45 3.13 24.57 7.94
C GLY B 45 3.31 25.91 7.28
N VAL B 46 4.02 26.78 7.99
CA VAL B 46 4.31 28.12 7.50
C VAL B 46 5.81 28.33 7.42
N ASP B 47 6.22 29.23 6.52
CA ASP B 47 7.60 29.65 6.41
C ASP B 47 8.54 28.45 6.30
N ASP B 48 9.37 28.16 7.31
CA ASP B 48 10.35 27.08 7.14
C ASP B 48 9.69 25.69 7.09
N VAL B 49 8.61 25.48 7.84
CA VAL B 49 7.90 24.20 7.74
C VAL B 49 7.22 24.08 6.37
N ALA B 50 6.62 25.17 5.90
CA ALA B 50 6.05 25.18 4.57
C ALA B 50 7.09 24.80 3.51
N PHE B 51 8.33 25.26 3.68
CA PHE B 51 9.35 24.94 2.70
C PHE B 51 9.84 23.49 2.81
N LYS B 52 9.90 22.94 4.01
CA LYS B 52 10.19 21.51 4.12
C LYS B 52 9.08 20.67 3.50
N ILE B 53 7.83 21.07 3.70
CA ILE B 53 6.72 20.34 3.08
C ILE B 53 6.88 20.31 1.56
N ARG B 54 7.27 21.46 0.98
CA ARG B 54 7.39 21.56 -0.47
C ARG B 54 8.54 20.72 -1.01
N GLU B 55 9.71 20.74 -0.34
CA GLU B 55 10.81 19.94 -0.87
C GLU B 55 10.50 18.44 -0.80
N VAL B 56 9.84 17.96 0.27
CA VAL B 56 9.45 16.54 0.30
C VAL B 56 8.48 16.22 -0.84
N ALA B 57 7.47 17.08 -1.05
CA ALA B 57 6.55 16.87 -2.15
C ALA B 57 7.27 16.80 -3.49
N ARG B 58 8.21 17.71 -3.71
CA ARG B 58 8.98 17.69 -4.95
C ARG B 58 9.73 16.37 -5.08
N GLU B 59 10.39 15.95 -4.00
CA GLU B 59 11.12 14.70 -4.01
C GLU B 59 10.20 13.54 -4.37
N TYR B 60 8.94 13.61 -3.92
CA TYR B 60 7.98 12.54 -4.18
C TYR B 60 7.08 12.81 -5.40
N ASN B 61 7.38 13.83 -6.20
CA ASN B 61 6.60 14.11 -7.40
C ASN B 61 5.12 14.32 -7.07
N ILE B 62 4.83 14.89 -5.91
CA ILE B 62 3.48 15.32 -5.58
C ILE B 62 3.28 16.73 -6.14
N ALA B 63 2.15 16.96 -6.82
CA ALA B 63 1.89 18.26 -7.43
C ALA B 63 1.83 19.38 -6.39
N ILE B 64 2.44 20.50 -6.73
CA ILE B 64 2.43 21.69 -5.88
C ILE B 64 1.69 22.78 -6.63
N VAL B 65 0.65 23.31 -6.01
CA VAL B 65 -0.30 24.19 -6.67
C VAL B 65 -0.38 25.50 -5.91
N SER B 66 -0.20 26.61 -6.63
CA SER B 66 -0.32 27.95 -6.05
C SER B 66 -1.75 28.45 -6.21
N ALA B 67 -2.49 28.50 -5.10
CA ALA B 67 -3.82 29.10 -5.06
C ALA B 67 -3.89 29.87 -3.76
N PRO B 68 -3.29 31.06 -3.72
CA PRO B 68 -2.96 31.71 -2.43
C PRO B 68 -4.16 31.83 -1.51
N PRO B 69 -5.31 32.33 -1.98
CA PRO B 69 -6.44 32.45 -1.05
C PRO B 69 -6.99 31.09 -0.63
N LEU B 70 -6.86 30.06 -1.46
CA LEU B 70 -7.31 28.72 -1.07
C LEU B 70 -6.37 28.12 -0.03
N ALA B 71 -5.06 28.22 -0.25
CA ALA B 71 -4.09 27.69 0.72
C ALA B 71 -4.29 28.33 2.09
N ARG B 72 -4.46 29.66 2.13
CA ARG B 72 -4.65 30.34 3.42
C ARG B 72 -5.95 29.89 4.10
N ALA B 73 -7.07 29.89 3.36
CA ALA B 73 -8.35 29.44 3.90
C ALA B 73 -8.27 28.03 4.48
N ILE B 74 -7.65 27.09 3.76
CA ILE B 74 -7.49 25.72 4.28
C ILE B 74 -6.66 25.73 5.56
N TYR B 75 -5.52 26.42 5.54
CA TYR B 75 -4.62 26.43 6.70
C TYR B 75 -5.35 26.86 7.95
N HIS B 76 -6.24 27.85 7.83
CA HIS B 76 -6.87 28.47 8.97
C HIS B 76 -8.18 27.81 9.38
N THR B 77 -8.72 26.91 8.58
CA THR B 77 -9.94 26.21 8.95
C THR B 77 -9.73 24.76 9.37
N THR B 78 -8.60 24.15 9.02
CA THR B 78 -8.49 22.69 9.10
C THR B 78 -7.24 22.32 9.88
N LYS B 79 -7.44 21.61 11.00
CA LYS B 79 -6.32 21.07 11.75
C LYS B 79 -5.81 19.78 11.10
N LEU B 80 -4.66 19.32 11.57
CA LEU B 80 -4.07 18.12 11.02
C LEU B 80 -5.06 16.96 11.11
N ASP B 81 -5.08 16.16 10.05
CA ASP B 81 -5.91 14.98 9.93
C ASP B 81 -7.40 15.27 10.09
N GLN B 82 -7.80 16.53 9.93
CA GLN B 82 -9.21 16.87 9.90
C GLN B 82 -9.66 17.17 8.47
N GLN B 83 -10.95 17.01 8.21
CA GLN B 83 -11.50 17.32 6.90
C GLN B 83 -11.62 18.82 6.69
N ILE B 84 -11.39 19.26 5.47
CA ILE B 84 -11.63 20.66 5.09
C ILE B 84 -13.12 20.94 5.21
N PRO B 85 -13.51 22.16 5.55
CA PRO B 85 -14.94 22.47 5.69
C PRO B 85 -15.68 22.31 4.37
N GLU B 86 -16.98 22.06 4.46
CA GLU B 86 -17.79 21.80 3.27
C GLU B 86 -17.71 22.97 2.29
N GLY B 87 -17.48 24.19 2.81
CA GLY B 87 -17.47 25.38 1.98
C GLY B 87 -16.28 25.46 1.03
N LEU B 88 -15.20 24.75 1.34
CA LEU B 88 -14.03 24.65 0.47
C LEU B 88 -14.04 23.40 -0.41
N PHE B 89 -15.09 22.58 -0.37
CA PHE B 89 -15.01 21.29 -1.06
C PHE B 89 -14.87 21.48 -2.57
N THR B 90 -15.76 22.24 -3.18
CA THR B 90 -15.74 22.37 -4.64
C THR B 90 -14.40 22.89 -5.13
N ALA B 91 -13.85 23.90 -4.45
CA ALA B 91 -12.60 24.49 -4.87
C ALA B 91 -11.47 23.47 -4.81
N VAL B 92 -11.37 22.72 -3.70
CA VAL B 92 -10.33 21.71 -3.58
C VAL B 92 -10.57 20.57 -4.55
N ALA B 93 -11.83 20.18 -4.76
CA ALA B 93 -12.09 19.06 -5.68
C ALA B 93 -11.64 19.41 -7.09
N GLN B 94 -11.81 20.67 -7.49
CA GLN B 94 -11.40 21.08 -8.82
C GLN B 94 -9.88 21.17 -8.93
N VAL B 95 -9.19 21.55 -7.85
CA VAL B 95 -7.73 21.43 -7.84
C VAL B 95 -7.30 19.97 -7.96
N LEU B 96 -7.99 19.08 -7.25
CA LEU B 96 -7.71 17.65 -7.32
C LEU B 96 -8.00 17.10 -8.72
N ALA B 97 -9.09 17.56 -9.35
CA ALA B 97 -9.37 17.15 -10.72
C ALA B 97 -8.22 17.50 -11.65
N TYR B 98 -7.66 18.70 -11.49
CA TYR B 98 -6.54 19.10 -12.32
C TYR B 98 -5.33 18.23 -12.05
N VAL B 99 -5.01 18.01 -10.77
CA VAL B 99 -3.85 17.19 -10.41
C VAL B 99 -3.99 15.80 -11.03
N PHE B 100 -5.14 15.17 -10.81
CA PHE B 100 -5.39 13.81 -11.28
C PHE B 100 -5.33 13.72 -12.80
N GLN B 101 -5.55 14.82 -13.51
CA GLN B 101 -5.58 14.81 -14.97
C GLN B 101 -4.26 15.28 -15.58
N LEU B 102 -3.23 15.52 -14.78
CA LEU B 102 -1.93 15.91 -15.31
C LEU B 102 -1.34 14.77 -16.11
N ARG B 103 -0.64 15.08 -17.21
CA ARG B 103 0.05 14.00 -17.92
C ARG B 103 1.36 13.69 -17.25
N GLN B 104 2.04 14.71 -16.76
CA GLN B 104 3.34 14.56 -16.13
C GLN B 104 3.24 15.27 -14.78
N TYR B 105 3.34 14.49 -13.69
CA TYR B 105 2.92 14.90 -12.35
C TYR B 105 3.88 15.86 -11.65
N GLN B 106 5.12 15.99 -12.13
CA GLN B 106 6.05 17.00 -11.61
C GLN B 106 7.02 17.48 -12.67
N ARG B 111 10.60 23.50 -11.65
CA ARG B 111 9.50 23.23 -10.74
C ARG B 111 9.13 24.46 -9.90
N LYS B 112 8.45 25.36 -10.53
CA LYS B 112 7.72 26.48 -9.96
C LYS B 112 6.26 26.05 -9.78
N PRO B 113 5.68 26.18 -8.59
CA PRO B 113 4.32 25.67 -8.38
C PRO B 113 3.36 26.24 -9.40
N ILE B 114 2.47 25.39 -9.89
CA ILE B 114 1.53 25.77 -10.94
C ILE B 114 0.48 26.73 -10.38
N PRO B 115 0.32 27.93 -10.93
CA PRO B 115 -0.78 28.80 -10.50
C PRO B 115 -2.09 28.31 -11.12
N ILE B 116 -3.09 28.13 -10.28
CA ILE B 116 -4.42 27.75 -10.72
C ILE B 116 -5.39 28.80 -10.23
N PRO B 117 -6.10 29.48 -11.14
CA PRO B 117 -7.06 30.48 -10.71
C PRO B 117 -8.22 29.82 -9.97
N LEU B 118 -8.71 30.50 -8.95
CA LEU B 118 -9.93 30.03 -8.32
C LEU B 118 -11.10 30.18 -9.28
N ASN B 119 -12.10 29.32 -9.13
CA ASN B 119 -13.26 29.41 -10.02
C ASN B 119 -14.47 30.09 -9.36
N GLN B 120 -14.39 30.37 -8.06
CA GLN B 120 -15.42 31.07 -7.31
C GLN B 120 -14.76 31.65 -6.06
N PRO B 121 -15.42 32.58 -5.37
CA PRO B 121 -14.80 33.15 -4.17
C PRO B 121 -14.74 32.15 -3.02
N ILE B 122 -13.81 32.39 -2.12
CA ILE B 122 -13.84 31.71 -0.82
C ILE B 122 -15.00 32.24 -0.01
N PRO B 123 -15.91 31.39 0.48
CA PRO B 123 -17.06 31.88 1.23
C PRO B 123 -16.65 32.82 2.37
N ASP B 124 -17.58 33.71 2.72
CA ASP B 124 -17.30 34.73 3.73
C ASP B 124 -16.85 34.11 5.04
N ASP B 125 -17.57 33.07 5.49
CA ASP B 125 -17.26 32.39 6.74
C ASP B 125 -15.76 32.14 6.93
N LEU B 126 -15.06 31.70 5.88
CA LEU B 126 -13.81 30.97 6.04
C LEU B 126 -12.54 31.75 5.71
N LYS B 127 -12.62 33.04 5.38
CA LYS B 127 -11.37 33.80 5.26
C LYS B 127 -11.17 34.71 6.46
N ALA C 4 16.84 5.25 29.79
CA ALA C 4 17.76 4.53 28.91
C ALA C 4 17.04 3.98 27.68
N GLN C 5 16.01 3.16 27.90
CA GLN C 5 15.23 2.65 26.77
C GLN C 5 14.52 3.79 26.05
N ARG C 6 13.89 4.69 26.82
CA ARG C 6 13.20 5.83 26.23
C ARG C 6 14.15 6.70 25.42
N ARG C 7 15.37 6.90 25.94
CA ARG C 7 16.37 7.61 25.17
C ARG C 7 16.72 6.83 23.92
N MET C 8 16.79 5.50 24.01
CA MET C 8 17.05 4.71 22.83
C MET C 8 15.91 4.82 21.83
N MET C 9 14.67 4.63 22.30
CA MET C 9 13.52 4.72 21.40
C MET C 9 13.44 6.07 20.71
N ALA C 10 13.85 7.14 21.39
CA ALA C 10 13.83 8.48 20.79
C ALA C 10 14.83 8.62 19.66
N GLU C 11 15.81 7.71 19.56
CA GLU C 11 16.78 7.76 18.49
C GLU C 11 16.30 7.06 17.21
N VAL C 12 15.30 6.19 17.30
CA VAL C 12 14.82 5.40 16.17
C VAL C 12 14.42 6.26 14.97
N PRO C 13 13.75 7.41 15.13
CA PRO C 13 13.44 8.24 13.95
C PRO C 13 14.67 8.66 13.14
N ASN C 14 15.87 8.57 13.71
CA ASN C 14 17.08 8.93 12.97
C ASN C 14 17.66 7.77 12.16
N ALA C 15 17.09 6.57 12.28
CA ALA C 15 17.67 5.41 11.59
C ALA C 15 17.42 5.50 10.10
N ASP C 16 18.31 4.87 9.33
CA ASP C 16 18.10 4.65 7.89
C ASP C 16 17.28 3.41 7.58
N VAL C 17 17.35 2.40 8.45
CA VAL C 17 16.65 1.13 8.21
C VAL C 17 16.56 0.43 9.54
N ILE C 18 15.52 -0.38 9.72
CA ILE C 18 15.45 -1.35 10.80
C ILE C 18 15.59 -2.73 10.19
N VAL C 19 16.66 -3.44 10.53
CA VAL C 19 16.84 -4.80 10.04
C VAL C 19 16.22 -5.73 11.08
N VAL C 20 15.34 -6.64 10.62
CA VAL C 20 14.62 -7.49 11.55
C VAL C 20 14.68 -8.96 11.17
N ASN C 21 14.34 -9.76 12.18
CA ASN C 21 13.54 -11.00 12.22
C ASN C 21 14.17 -12.00 13.14
N GLU C 23 7.66 -11.64 16.92
CA GLU C 23 8.96 -12.05 16.40
C GLU C 23 10.09 -11.29 17.10
N HIS C 24 11.32 -11.69 16.80
CA HIS C 24 12.34 -11.70 17.84
C HIS C 24 13.28 -10.49 17.83
N TYR C 25 13.88 -10.10 16.70
CA TYR C 25 15.02 -9.18 16.70
C TYR C 25 14.82 -7.96 15.81
N ALA C 26 15.33 -6.81 16.27
CA ALA C 26 15.32 -5.57 15.50
C ALA C 26 16.58 -4.78 15.82
N VAL C 27 17.27 -4.30 14.78
CA VAL C 27 18.38 -3.37 14.94
C VAL C 27 18.14 -2.17 14.03
N ALA C 28 18.22 -0.97 14.59
CA ALA C 28 18.13 0.25 13.80
C ALA C 28 19.55 0.63 13.41
N VAL C 29 19.77 0.78 12.12
CA VAL C 29 21.07 1.05 11.52
C VAL C 29 21.04 2.45 10.90
N LYS C 30 22.09 3.21 11.15
CA LYS C 30 22.30 4.50 10.52
C LYS C 30 23.68 4.53 9.88
N TYR C 31 23.77 5.12 8.67
CA TYR C 31 25.04 5.42 8.04
C TYR C 31 25.01 6.88 7.59
N ASP C 32 25.79 7.72 8.25
CA ASP C 32 25.81 9.15 7.97
C ASP C 32 27.29 9.51 7.92
N VAL C 33 27.81 9.62 6.70
CA VAL C 33 29.22 9.86 6.45
C VAL C 33 29.71 11.12 7.14
N LYS C 34 28.81 12.05 7.47
CA LYS C 34 29.16 13.24 8.23
C LYS C 34 29.35 12.96 9.72
N ARG C 35 28.91 11.81 10.21
CA ARG C 35 28.98 11.53 11.63
C ARG C 35 29.77 10.28 12.00
N SER C 36 29.92 9.33 11.09
CA SER C 36 30.59 8.08 11.40
C SER C 36 31.31 7.58 10.16
N ALA C 37 32.45 6.95 10.39
CA ALA C 37 33.16 6.36 9.27
C ALA C 37 32.43 5.14 8.71
N ALA C 38 31.50 4.54 9.47
CA ALA C 38 30.88 3.28 9.06
C ALA C 38 29.45 3.24 9.60
N PRO C 39 28.59 2.36 9.07
CA PRO C 39 27.24 2.24 9.64
C PRO C 39 27.31 1.82 11.11
N PHE C 40 26.32 2.25 11.89
CA PHE C 40 26.31 1.95 13.32
C PHE C 40 24.89 1.73 13.82
N VAL C 41 24.77 1.12 14.98
CA VAL C 41 23.48 0.74 15.54
C VAL C 41 23.01 1.85 16.49
N ILE C 42 21.83 2.42 16.23
CA ILE C 42 21.33 3.42 17.16
C ILE C 42 20.23 2.91 18.04
N ALA C 43 19.68 1.73 17.76
CA ALA C 43 18.70 1.10 18.65
C ALA C 43 18.72 -0.39 18.32
N LYS C 44 18.40 -1.21 19.32
CA LYS C 44 18.33 -2.66 19.13
C LYS C 44 17.47 -3.25 20.23
N GLY C 45 16.78 -4.34 19.93
CA GLY C 45 15.86 -4.92 20.91
C GLY C 45 15.33 -6.26 20.47
N VAL C 46 14.91 -7.06 21.46
CA VAL C 46 14.22 -8.31 21.20
C VAL C 46 12.78 -8.19 21.65
N ASP C 47 11.94 -9.07 21.09
CA ASP C 47 10.54 -9.25 21.46
C ASP C 47 9.78 -7.94 21.68
N ASP C 48 9.45 -7.62 22.93
CA ASP C 48 8.64 -6.44 23.20
C ASP C 48 9.34 -5.17 22.75
N VAL C 49 10.65 -5.09 22.99
CA VAL C 49 11.40 -3.91 22.58
C VAL C 49 11.57 -3.85 21.06
N ALA C 50 11.79 -5.01 20.41
CA ALA C 50 11.76 -5.03 18.94
C ALA C 50 10.43 -4.52 18.39
N PHE C 51 9.32 -4.94 18.99
CA PHE C 51 8.00 -4.52 18.51
C PHE C 51 7.87 -2.99 18.57
N LYS C 52 8.25 -2.39 19.70
CA LYS C 52 8.17 -0.94 19.83
C LYS C 52 9.13 -0.24 18.87
N ILE C 53 10.34 -0.78 18.66
CA ILE C 53 11.23 -0.19 17.68
C ILE C 53 10.57 -0.14 16.31
N ARG C 54 9.91 -1.23 15.93
CA ARG C 54 9.23 -1.29 14.64
C ARG C 54 8.04 -0.34 14.59
N GLU C 55 7.31 -0.19 15.71
CA GLU C 55 6.15 0.67 15.72
C GLU C 55 6.56 2.12 15.51
N VAL C 56 7.66 2.53 16.15
CA VAL C 56 8.17 3.88 15.94
C VAL C 56 8.67 4.03 14.51
N ALA C 57 9.37 3.01 13.99
CA ALA C 57 9.86 3.08 12.61
C ALA C 57 8.73 3.38 11.64
N ARG C 58 7.61 2.66 11.77
CA ARG C 58 6.43 2.92 10.95
C ARG C 58 5.93 4.35 11.13
N GLU C 59 5.80 4.78 12.39
CA GLU C 59 5.39 6.16 12.69
C GLU C 59 6.22 7.18 11.92
N TYR C 60 7.50 6.91 11.69
CA TYR C 60 8.39 7.88 11.05
C TYR C 60 8.78 7.49 9.64
N ASN C 61 8.09 6.53 9.02
CA ASN C 61 8.43 6.07 7.67
C ASN C 61 9.89 5.64 7.56
N ILE C 62 10.40 4.94 8.57
CA ILE C 62 11.70 4.27 8.45
C ILE C 62 11.46 2.88 7.88
N ALA C 63 12.16 2.56 6.79
CA ALA C 63 12.03 1.24 6.17
C ALA C 63 12.42 0.12 7.15
N ILE C 64 11.63 -0.95 7.10
CA ILE C 64 11.86 -2.17 7.87
C ILE C 64 12.19 -3.28 6.89
N VAL C 65 13.31 -3.98 7.09
CA VAL C 65 13.76 -5.00 6.15
C VAL C 65 14.00 -6.31 6.89
N SER C 66 13.28 -7.37 6.49
CA SER C 66 13.52 -8.69 7.05
C SER C 66 14.74 -9.30 6.35
N ALA C 67 15.80 -9.48 7.11
CA ALA C 67 17.01 -10.13 6.63
C ALA C 67 17.55 -10.88 7.84
N PRO C 68 16.96 -12.03 8.18
CA PRO C 68 17.18 -12.65 9.49
C PRO C 68 18.66 -12.89 9.77
N PRO C 69 19.43 -13.46 8.83
CA PRO C 69 20.86 -13.67 9.14
C PRO C 69 21.62 -12.37 9.41
N LEU C 70 21.38 -11.33 8.63
CA LEU C 70 22.03 -10.05 8.89
C LEU C 70 21.58 -9.48 10.22
N ALA C 71 20.28 -9.54 10.51
CA ALA C 71 19.76 -8.95 11.75
C ALA C 71 20.39 -9.60 12.98
N ARG C 72 20.48 -10.94 12.98
CA ARG C 72 21.14 -11.67 14.08
C ARG C 72 22.64 -11.41 14.11
N ALA C 73 23.28 -11.36 12.94
CA ALA C 73 24.71 -11.06 12.90
C ALA C 73 25.00 -9.69 13.54
N ILE C 74 24.26 -8.66 13.13
CA ILE C 74 24.49 -7.33 13.69
C ILE C 74 24.19 -7.31 15.18
N TYR C 75 23.05 -7.89 15.57
CA TYR C 75 22.66 -7.87 16.98
C TYR C 75 23.71 -8.53 17.83
N HIS C 76 24.25 -9.67 17.38
CA HIS C 76 25.23 -10.40 18.18
C HIS C 76 26.53 -9.61 18.33
N THR C 77 26.96 -8.91 17.29
CA THR C 77 28.30 -8.32 17.24
C THR C 77 28.35 -6.83 17.60
N THR C 78 27.23 -6.13 17.57
CA THR C 78 27.25 -4.67 17.59
C THR C 78 26.34 -4.15 18.71
N LYS C 79 26.93 -3.41 19.64
CA LYS C 79 26.15 -2.87 20.74
C LYS C 79 25.58 -1.50 20.34
N LEU C 80 24.69 -0.97 21.19
CA LEU C 80 24.10 0.34 20.98
C LEU C 80 25.21 1.36 20.76
N ASP C 81 25.04 2.21 19.75
CA ASP C 81 25.97 3.29 19.40
C ASP C 81 27.31 2.77 18.90
N GLN C 82 27.44 1.49 18.59
CA GLN C 82 28.70 0.97 18.07
C GLN C 82 28.62 0.82 16.56
N GLN C 83 29.75 1.06 15.89
CA GLN C 83 29.84 0.79 14.46
C GLN C 83 29.84 -0.72 14.21
N ILE C 84 29.29 -1.13 13.06
CA ILE C 84 29.16 -2.53 12.69
C ILE C 84 30.50 -3.10 12.23
N PRO C 85 30.70 -4.42 12.31
CA PRO C 85 31.98 -5.00 11.85
C PRO C 85 32.19 -4.81 10.36
N GLU C 86 33.46 -4.58 10.01
CA GLU C 86 33.86 -4.49 8.61
C GLU C 86 33.31 -5.67 7.78
N GLY C 87 33.32 -6.87 8.34
CA GLY C 87 32.81 -8.02 7.58
C GLY C 87 31.32 -7.94 7.24
N LEU C 88 30.57 -7.01 7.83
CA LEU C 88 29.17 -6.85 7.49
C LEU C 88 28.91 -5.66 6.58
N PHE C 89 29.96 -4.92 6.18
CA PHE C 89 29.77 -3.72 5.34
C PHE C 89 29.01 -4.04 4.06
N THR C 90 29.33 -5.16 3.39
CA THR C 90 28.68 -5.49 2.12
C THR C 90 27.21 -5.84 2.32
N ALA C 91 26.92 -6.72 3.26
CA ALA C 91 25.52 -7.06 3.55
C ALA C 91 24.72 -5.81 3.88
N VAL C 92 25.28 -4.93 4.71
CA VAL C 92 24.52 -3.74 5.10
C VAL C 92 24.36 -2.80 3.92
N ALA C 93 25.40 -2.70 3.07
CA ALA C 93 25.30 -1.88 1.87
C ALA C 93 24.15 -2.34 0.99
N GLN C 94 23.99 -3.66 0.85
CA GLN C 94 22.91 -4.19 0.03
C GLN C 94 21.57 -3.74 0.56
N VAL C 95 21.40 -3.77 1.88
CA VAL C 95 20.15 -3.34 2.50
C VAL C 95 19.93 -1.85 2.26
N LEU C 96 20.96 -1.04 2.51
CA LEU C 96 20.81 0.40 2.32
C LEU C 96 20.57 0.75 0.85
N ALA C 97 21.22 0.04 -0.09
CA ALA C 97 20.93 0.27 -1.50
C ALA C 97 19.49 -0.10 -1.85
N TYR C 98 19.01 -1.22 -1.31
CA TYR C 98 17.63 -1.64 -1.53
C TYR C 98 16.67 -0.58 -1.03
N VAL C 99 16.90 -0.10 0.19
CA VAL C 99 16.03 0.92 0.78
C VAL C 99 16.08 2.19 -0.05
N PHE C 100 17.26 2.60 -0.50
CA PHE C 100 17.35 3.80 -1.33
C PHE C 100 16.55 3.62 -2.62
N GLN C 101 16.77 2.49 -3.30
CA GLN C 101 16.06 2.28 -4.56
C GLN C 101 14.56 2.14 -4.33
N LEU C 102 14.17 1.53 -3.20
CA LEU C 102 12.75 1.41 -2.88
C LEU C 102 12.11 2.78 -2.73
N ARG C 103 12.78 3.69 -1.99
CA ARG C 103 12.24 5.05 -1.87
C ARG C 103 12.22 5.75 -3.22
N GLN C 104 13.25 5.52 -4.05
CA GLN C 104 13.20 6.01 -5.43
C GLN C 104 11.97 5.49 -6.14
N TYR C 105 11.63 4.22 -5.97
CA TYR C 105 10.42 3.73 -6.60
C TYR C 105 9.19 4.44 -6.01
N GLN C 106 9.13 4.52 -4.69
CA GLN C 106 7.99 5.17 -4.04
C GLN C 106 7.86 6.63 -4.44
N LYS C 107 8.98 7.35 -4.50
CA LYS C 107 8.96 8.69 -5.05
C LYS C 107 8.53 8.73 -6.51
N GLY C 108 8.33 7.59 -7.16
CA GLY C 108 8.75 7.50 -8.53
C GLY C 108 10.05 8.19 -8.77
N ARG C 109 11.19 7.74 -8.32
CA ARG C 109 12.44 8.21 -8.95
C ARG C 109 13.28 7.08 -9.48
N GLY C 110 12.81 5.82 -9.35
CA GLY C 110 13.46 4.65 -9.93
C GLY C 110 12.48 3.51 -10.10
N ARG C 111 12.90 2.43 -10.75
CA ARG C 111 12.01 1.26 -10.83
C ARG C 111 12.16 0.38 -9.57
N LYS C 112 11.31 -0.65 -9.45
CA LYS C 112 11.32 -1.48 -8.25
C LYS C 112 12.68 -2.16 -8.07
N PRO C 113 13.25 -2.12 -6.86
CA PRO C 113 14.56 -2.74 -6.65
C PRO C 113 14.53 -4.27 -6.69
N ILE C 114 15.65 -4.82 -7.14
CA ILE C 114 15.96 -6.26 -7.16
C ILE C 114 15.94 -6.81 -5.74
N PRO C 115 15.45 -8.03 -5.50
CA PRO C 115 15.43 -8.57 -4.13
C PRO C 115 16.82 -8.62 -3.48
N ILE C 116 16.85 -8.35 -2.19
CA ILE C 116 18.08 -8.59 -1.43
C ILE C 116 18.36 -10.09 -1.40
N PRO C 117 19.60 -10.55 -1.58
CA PRO C 117 19.86 -11.99 -1.57
C PRO C 117 19.40 -12.64 -0.29
N LEU C 118 18.75 -13.81 -0.42
CA LEU C 118 18.46 -14.62 0.76
C LEU C 118 19.74 -15.03 1.47
N ASN C 119 20.78 -15.37 0.71
CA ASN C 119 22.10 -15.66 1.30
C ASN C 119 23.06 -14.53 0.93
N GLN C 120 23.16 -13.56 1.83
CA GLN C 120 23.95 -12.38 1.60
C GLN C 120 25.43 -12.72 1.77
N PRO C 121 26.33 -11.88 1.27
CA PRO C 121 27.76 -12.13 1.45
C PRO C 121 28.17 -11.84 2.89
N ILE C 122 27.72 -12.68 3.82
CA ILE C 122 28.14 -12.61 5.21
C ILE C 122 29.15 -13.75 5.43
N PRO C 123 30.36 -13.46 5.88
CA PRO C 123 31.29 -14.55 6.16
C PRO C 123 30.72 -15.44 7.25
N ASP C 124 30.89 -16.75 7.08
CA ASP C 124 30.24 -17.70 7.99
C ASP C 124 30.63 -17.43 9.45
N ASP C 125 31.82 -16.87 9.70
CA ASP C 125 32.22 -16.64 11.09
C ASP C 125 31.52 -15.44 11.71
N LEU C 126 30.86 -14.63 10.89
CA LEU C 126 29.97 -13.56 11.32
C LEU C 126 28.52 -13.99 11.52
N LYS C 127 28.17 -15.25 11.26
CA LYS C 127 26.79 -15.72 11.34
C LYS C 127 26.44 -16.13 12.77
N TYR C 128 25.34 -15.58 13.31
CA TYR C 128 24.94 -15.94 14.66
C TYR C 128 23.45 -16.29 14.76
N HIS C 129 22.77 -16.56 13.65
CA HIS C 129 21.35 -16.89 13.75
C HIS C 129 21.07 -18.29 14.29
N HIS C 130 22.10 -19.10 14.53
CA HIS C 130 21.95 -20.35 15.29
C HIS C 130 22.23 -20.19 16.79
N HIS C 131 22.68 -19.03 17.23
CA HIS C 131 23.20 -18.82 18.57
C HIS C 131 22.12 -18.32 19.53
N HIS C 132 22.37 -18.53 20.81
CA HIS C 132 21.45 -18.09 21.84
C HIS C 132 22.20 -17.48 23.01
N HIS C 133 21.45 -16.68 23.77
CA HIS C 133 21.86 -16.16 25.08
C HIS C 133 23.01 -15.16 24.97
N ALA D 4 -21.89 -15.89 16.44
CA ALA D 4 -22.98 -16.26 15.54
C ALA D 4 -23.09 -15.25 14.39
N GLN D 5 -22.52 -15.60 13.23
CA GLN D 5 -22.38 -14.64 12.14
C GLN D 5 -23.67 -14.56 11.32
N ARG D 6 -24.11 -13.34 11.03
CA ARG D 6 -25.25 -13.15 10.13
C ARG D 6 -24.91 -13.59 8.71
N ARG D 7 -25.91 -14.17 8.03
CA ARG D 7 -25.68 -14.73 6.70
C ARG D 7 -25.28 -13.66 5.69
N MET D 8 -25.76 -12.42 5.85
CA MET D 8 -25.42 -11.36 4.92
C MET D 8 -23.91 -11.12 4.86
N MET D 9 -23.16 -11.56 5.86
CA MET D 9 -21.73 -11.34 5.87
C MET D 9 -21.01 -12.17 4.81
N ALA D 10 -21.52 -13.38 4.53
CA ALA D 10 -20.98 -14.15 3.42
C ALA D 10 -21.33 -13.55 2.06
N GLU D 11 -22.24 -12.57 1.99
CA GLU D 11 -22.49 -11.88 0.73
C GLU D 11 -21.59 -10.66 0.53
N VAL D 12 -20.97 -10.13 1.60
CA VAL D 12 -20.15 -8.93 1.46
C VAL D 12 -19.05 -9.12 0.40
N PRO D 13 -18.38 -10.26 0.28
CA PRO D 13 -17.40 -10.40 -0.81
C PRO D 13 -17.99 -10.29 -2.21
N ASN D 14 -19.33 -10.31 -2.35
CA ASN D 14 -19.95 -10.15 -3.66
C ASN D 14 -20.36 -8.70 -3.95
N ALA D 15 -20.17 -7.80 -3.01
CA ALA D 15 -20.63 -6.43 -3.19
C ALA D 15 -19.74 -5.68 -4.16
N ASP D 16 -20.34 -4.68 -4.80
CA ASP D 16 -19.57 -3.75 -5.62
C ASP D 16 -18.97 -2.63 -4.78
N VAL D 17 -19.54 -2.32 -3.61
CA VAL D 17 -19.04 -1.24 -2.80
C VAL D 17 -19.72 -1.30 -1.45
N ILE D 18 -19.04 -0.83 -0.41
CA ILE D 18 -19.63 -0.60 0.90
C ILE D 18 -19.77 0.90 1.03
N VAL D 19 -21.01 1.40 1.11
CA VAL D 19 -21.21 2.82 1.39
C VAL D 19 -21.30 2.96 2.90
N VAL D 20 -20.44 3.82 3.47
CA VAL D 20 -20.34 3.94 4.92
C VAL D 20 -20.47 5.38 5.39
N ASN D 21 -20.56 5.47 6.72
CA ASN D 21 -20.25 6.56 7.63
C ASN D 21 -21.53 7.15 8.19
N GLU D 23 -22.27 6.93 16.04
CA GLU D 23 -23.04 5.89 15.36
C GLU D 23 -22.54 5.71 13.92
N HIS D 24 -22.33 4.46 13.54
CA HIS D 24 -21.74 4.09 12.26
C HIS D 24 -22.77 3.36 11.41
N TYR D 25 -22.60 3.47 10.08
CA TYR D 25 -23.49 2.85 9.11
C TYR D 25 -22.63 2.20 8.04
N ALA D 26 -23.04 1.02 7.57
CA ALA D 26 -22.40 0.37 6.43
C ALA D 26 -23.48 -0.30 5.60
N VAL D 27 -23.44 -0.07 4.29
CA VAL D 27 -24.40 -0.66 3.35
C VAL D 27 -23.60 -1.29 2.22
N ALA D 28 -23.75 -2.61 2.02
CA ALA D 28 -23.13 -3.27 0.88
C ALA D 28 -24.08 -3.24 -0.31
N VAL D 29 -23.63 -2.70 -1.43
CA VAL D 29 -24.46 -2.53 -2.63
C VAL D 29 -23.89 -3.40 -3.76
N LYS D 30 -24.78 -3.97 -4.56
CA LYS D 30 -24.35 -4.82 -5.68
C LYS D 30 -25.02 -4.38 -6.98
N ASP D 32 -25.15 -5.68 -10.46
CA ASP D 32 -25.24 -6.89 -11.30
C ASP D 32 -26.55 -6.98 -12.10
N VAL D 33 -26.43 -6.60 -13.37
CA VAL D 33 -27.56 -6.56 -14.26
C VAL D 33 -28.15 -7.95 -14.48
N LYS D 34 -27.40 -9.01 -14.14
CA LYS D 34 -27.82 -10.35 -14.51
C LYS D 34 -28.80 -11.00 -13.52
N ARG D 35 -28.97 -10.44 -12.32
CA ARG D 35 -30.01 -10.98 -11.44
C ARG D 35 -31.05 -9.97 -10.99
N SER D 36 -30.78 -8.66 -11.05
CA SER D 36 -31.85 -7.71 -10.78
C SER D 36 -31.63 -6.43 -11.58
N ALA D 37 -32.72 -5.67 -11.73
CA ALA D 37 -32.73 -4.53 -12.63
C ALA D 37 -31.92 -3.36 -12.07
N ALA D 38 -32.15 -3.00 -10.82
CA ALA D 38 -31.46 -1.89 -10.17
C ALA D 38 -30.53 -2.39 -9.07
N PRO D 39 -29.57 -1.57 -8.62
CA PRO D 39 -28.68 -2.01 -7.54
C PRO D 39 -29.49 -2.33 -6.30
N PHE D 40 -29.00 -3.28 -5.52
CA PHE D 40 -29.73 -3.76 -4.35
C PHE D 40 -28.77 -3.87 -3.18
N VAL D 41 -29.34 -3.91 -1.98
CA VAL D 41 -28.57 -3.97 -0.74
C VAL D 41 -28.40 -5.43 -0.38
N ILE D 42 -27.15 -5.90 -0.29
CA ILE D 42 -26.91 -7.30 0.09
C ILE D 42 -26.43 -7.45 1.53
N ALA D 43 -26.13 -6.36 2.22
CA ALA D 43 -25.72 -6.37 3.62
C ALA D 43 -25.88 -4.95 4.15
N LYS D 44 -26.24 -4.83 5.43
CA LYS D 44 -26.42 -3.50 6.03
C LYS D 44 -26.38 -3.67 7.54
N GLY D 45 -25.79 -2.69 8.22
CA GLY D 45 -25.67 -2.79 9.66
C GLY D 45 -25.25 -1.44 10.23
N VAL D 46 -25.47 -1.32 11.54
CA VAL D 46 -25.04 -0.15 12.29
C VAL D 46 -24.03 -0.58 13.36
N ASP D 47 -23.21 0.37 13.77
CA ASP D 47 -22.21 0.25 14.82
C ASP D 47 -21.36 -1.02 14.69
N ASP D 48 -21.45 -1.90 15.68
CA ASP D 48 -20.61 -3.10 15.66
C ASP D 48 -20.87 -3.93 14.41
N VAL D 49 -22.12 -3.99 13.96
CA VAL D 49 -22.44 -4.70 12.72
C VAL D 49 -21.80 -4.00 11.51
N ALA D 50 -21.89 -2.68 11.45
CA ALA D 50 -21.23 -1.92 10.39
C ALA D 50 -19.74 -2.21 10.36
N PHE D 51 -19.08 -2.17 11.53
CA PHE D 51 -17.66 -2.50 11.62
C PHE D 51 -17.38 -3.90 11.06
N LYS D 52 -18.20 -4.88 11.45
CA LYS D 52 -18.05 -6.23 10.91
C LYS D 52 -18.09 -6.23 9.38
N ILE D 53 -19.05 -5.51 8.81
CA ILE D 53 -19.18 -5.44 7.35
C ILE D 53 -17.92 -4.85 6.73
N ARG D 54 -17.39 -3.76 7.32
CA ARG D 54 -16.17 -3.13 6.84
C ARG D 54 -14.98 -4.08 6.87
N GLU D 55 -14.86 -4.87 7.93
CA GLU D 55 -13.71 -5.75 8.06
C GLU D 55 -13.73 -6.90 7.06
N VAL D 56 -14.92 -7.43 6.75
CA VAL D 56 -15.01 -8.44 5.71
C VAL D 56 -14.70 -7.82 4.36
N ALA D 57 -15.18 -6.59 4.13
CA ALA D 57 -14.85 -5.87 2.89
C ALA D 57 -13.35 -5.68 2.73
N ARG D 58 -12.66 -5.25 3.78
CA ARG D 58 -11.22 -5.11 3.67
C ARG D 58 -10.57 -6.45 3.32
N GLU D 59 -10.98 -7.52 4.02
CA GLU D 59 -10.41 -8.83 3.77
C GLU D 59 -10.55 -9.25 2.32
N TYR D 60 -11.65 -8.88 1.66
CA TYR D 60 -11.96 -9.35 0.31
C TYR D 60 -11.77 -8.27 -0.73
N ASN D 61 -11.04 -7.20 -0.41
CA ASN D 61 -10.71 -6.13 -1.35
C ASN D 61 -11.97 -5.46 -1.92
N ILE D 62 -12.98 -5.28 -1.10
CA ILE D 62 -14.17 -4.58 -1.54
C ILE D 62 -13.99 -3.09 -1.27
N ALA D 63 -14.29 -2.25 -2.26
CA ALA D 63 -14.14 -0.81 -2.07
C ALA D 63 -15.10 -0.29 -0.99
N ILE D 64 -14.57 0.61 -0.15
CA ILE D 64 -15.31 1.26 0.92
C ILE D 64 -15.36 2.74 0.60
N VAL D 65 -16.56 3.34 0.59
CA VAL D 65 -16.73 4.74 0.19
C VAL D 65 -17.53 5.48 1.26
N SER D 66 -16.91 6.47 1.86
CA SER D 66 -17.62 7.27 2.85
C SER D 66 -18.44 8.30 2.10
N ALA D 67 -19.75 8.21 2.23
CA ALA D 67 -20.66 9.18 1.61
C ALA D 67 -21.86 9.29 2.53
N PRO D 68 -21.72 10.04 3.61
CA PRO D 68 -22.62 9.89 4.77
C PRO D 68 -24.08 10.12 4.43
N PRO D 69 -24.46 11.19 3.70
CA PRO D 69 -25.89 11.36 3.39
C PRO D 69 -26.44 10.22 2.55
N LEU D 70 -25.65 9.66 1.64
CA LEU D 70 -26.13 8.55 0.82
C LEU D 70 -26.25 7.27 1.66
N ALA D 71 -25.25 6.98 2.51
CA ALA D 71 -25.31 5.77 3.34
C ALA D 71 -26.54 5.80 4.23
N ARG D 72 -26.83 6.95 4.83
CA ARG D 72 -28.03 7.03 5.66
C ARG D 72 -29.27 6.91 4.78
N ALA D 73 -29.26 7.48 3.58
CA ALA D 73 -30.45 7.41 2.72
C ALA D 73 -30.75 5.99 2.28
N ILE D 74 -29.73 5.25 1.83
CA ILE D 74 -29.95 3.84 1.46
C ILE D 74 -30.38 3.02 2.68
N TYR D 75 -29.69 3.21 3.81
CA TYR D 75 -29.99 2.43 5.01
C TYR D 75 -31.44 2.58 5.44
N HIS D 76 -31.96 3.81 5.45
CA HIS D 76 -33.30 4.03 5.96
C HIS D 76 -34.41 3.79 4.94
N THR D 77 -34.08 3.71 3.65
CA THR D 77 -35.11 3.44 2.65
C THR D 77 -35.12 2.00 2.15
N THR D 78 -34.00 1.29 2.24
CA THR D 78 -33.86 0.01 1.57
C THR D 78 -33.62 -1.07 2.62
N LYS D 79 -34.49 -2.07 2.63
CA LYS D 79 -34.25 -3.24 3.46
C LYS D 79 -33.29 -4.19 2.75
N LEU D 80 -32.86 -5.20 3.49
CA LEU D 80 -31.85 -6.12 2.97
C LEU D 80 -32.39 -6.86 1.76
N ASP D 81 -31.54 -7.04 0.75
CA ASP D 81 -31.87 -7.72 -0.51
C ASP D 81 -32.97 -7.03 -1.31
N GLN D 82 -33.32 -5.79 -0.96
CA GLN D 82 -34.25 -4.97 -1.74
C GLN D 82 -33.46 -4.02 -2.65
N GLN D 83 -34.04 -3.69 -3.81
CA GLN D 83 -33.42 -2.71 -4.67
C GLN D 83 -33.56 -1.31 -4.06
N ILE D 84 -32.58 -0.46 -4.34
CA ILE D 84 -32.62 0.93 -3.89
C ILE D 84 -33.71 1.65 -4.66
N PRO D 85 -34.33 2.66 -4.08
CA PRO D 85 -35.34 3.44 -4.80
C PRO D 85 -34.75 4.18 -5.98
N GLU D 86 -35.62 4.42 -6.97
CA GLU D 86 -35.22 5.14 -8.17
C GLU D 86 -34.62 6.49 -7.83
N GLY D 87 -35.08 7.12 -6.74
CA GLY D 87 -34.57 8.41 -6.34
C GLY D 87 -33.10 8.41 -5.99
N LEU D 88 -32.52 7.24 -5.71
CA LEU D 88 -31.12 7.14 -5.36
C LEU D 88 -30.25 6.59 -6.50
N PHE D 89 -30.84 6.35 -7.68
CA PHE D 89 -30.08 5.80 -8.79
C PHE D 89 -28.87 6.66 -9.15
N THR D 90 -29.07 7.97 -9.23
CA THR D 90 -27.99 8.84 -9.68
C THR D 90 -26.84 8.87 -8.68
N ALA D 91 -27.16 9.03 -7.39
CA ALA D 91 -26.11 9.10 -6.37
C ALA D 91 -25.34 7.79 -6.24
N VAL D 92 -26.03 6.65 -6.35
CA VAL D 92 -25.35 5.36 -6.26
C VAL D 92 -24.52 5.13 -7.52
N ALA D 93 -25.02 5.57 -8.69
CA ALA D 93 -24.25 5.53 -9.93
C ALA D 93 -22.94 6.30 -9.81
N GLN D 94 -23.00 7.47 -9.18
CA GLN D 94 -21.78 8.24 -8.97
C GLN D 94 -20.77 7.44 -8.17
N VAL D 95 -21.25 6.73 -7.15
CA VAL D 95 -20.35 5.93 -6.33
C VAL D 95 -19.79 4.78 -7.13
N LEU D 96 -20.66 4.05 -7.84
CA LEU D 96 -20.21 2.90 -8.62
C LEU D 96 -19.24 3.33 -9.72
N ALA D 97 -19.51 4.46 -10.37
CA ALA D 97 -18.57 4.96 -11.37
C ALA D 97 -17.23 5.32 -10.74
N TYR D 98 -17.24 6.00 -9.58
CA TYR D 98 -15.98 6.31 -8.89
C TYR D 98 -15.19 5.03 -8.56
N VAL D 99 -15.87 4.04 -7.97
CA VAL D 99 -15.23 2.75 -7.64
C VAL D 99 -14.62 2.11 -8.89
N PHE D 100 -15.37 2.10 -9.99
CA PHE D 100 -14.86 1.51 -11.22
C PHE D 100 -13.58 2.20 -11.66
N GLN D 101 -13.62 3.52 -11.75
CA GLN D 101 -12.45 4.29 -12.16
C GLN D 101 -11.29 4.14 -11.17
N LEU D 102 -11.58 4.04 -9.88
CA LEU D 102 -10.54 3.79 -8.89
C LEU D 102 -9.85 2.46 -9.16
N ARG D 103 -10.64 1.41 -9.35
CA ARG D 103 -10.05 0.13 -9.71
C ARG D 103 -9.29 0.22 -11.04
N GLN D 104 -9.81 0.98 -12.00
CA GLN D 104 -9.03 1.18 -13.23
C GLN D 104 -7.70 1.83 -12.92
N TYR D 105 -7.65 2.71 -11.92
CA TYR D 105 -6.38 3.28 -11.51
C TYR D 105 -5.50 2.23 -10.82
N GLN D 106 -6.07 1.46 -9.91
CA GLN D 106 -5.29 0.40 -9.26
C GLN D 106 -4.79 -0.64 -10.26
N LYS D 107 -5.46 -0.80 -11.39
CA LYS D 107 -4.99 -1.76 -12.39
C LYS D 107 -3.85 -1.25 -13.26
N GLY D 108 -3.48 0.02 -13.16
CA GLY D 108 -2.60 0.57 -14.15
C GLY D 108 -3.23 1.06 -15.44
N ARG D 109 -4.56 1.14 -15.52
CA ARG D 109 -5.23 1.42 -16.78
C ARG D 109 -5.81 2.81 -16.74
N GLY D 110 -6.24 3.27 -15.60
CA GLY D 110 -6.90 4.53 -15.63
C GLY D 110 -6.45 5.50 -14.57
N ARG D 111 -7.13 6.68 -14.63
CA ARG D 111 -6.62 7.74 -13.79
C ARG D 111 -7.33 7.82 -12.44
N LYS D 112 -6.68 8.49 -11.43
CA LYS D 112 -7.42 8.77 -10.19
C LYS D 112 -8.73 9.47 -10.57
N PRO D 113 -9.86 8.93 -10.15
CA PRO D 113 -11.14 9.57 -10.45
C PRO D 113 -11.31 10.81 -9.62
N ILE D 114 -12.05 11.75 -10.16
CA ILE D 114 -12.29 12.99 -9.43
C ILE D 114 -13.19 12.67 -8.25
N PRO D 115 -13.17 13.51 -7.21
CA PRO D 115 -13.93 13.21 -6.00
C PRO D 115 -15.42 13.10 -6.26
N ILE D 116 -16.05 12.20 -5.51
CA ILE D 116 -17.51 12.11 -5.44
C ILE D 116 -18.05 13.39 -4.83
N PRO D 117 -19.08 14.00 -5.41
CA PRO D 117 -19.62 15.25 -4.86
C PRO D 117 -19.90 15.10 -3.37
N LEU D 118 -19.54 16.13 -2.60
CA LEU D 118 -19.88 16.13 -1.19
C LEU D 118 -21.39 16.24 -1.01
N ASN D 119 -22.06 16.91 -1.95
CA ASN D 119 -23.50 17.14 -1.97
C ASN D 119 -24.10 16.43 -3.19
N GLN D 120 -24.46 15.18 -2.99
CA GLN D 120 -24.92 14.38 -4.11
C GLN D 120 -26.37 14.71 -4.41
N PRO D 121 -26.83 14.45 -5.64
CA PRO D 121 -28.25 14.64 -5.97
C PRO D 121 -29.15 13.63 -5.31
N ILE D 122 -29.42 13.84 -4.04
CA ILE D 122 -30.35 13.00 -3.28
C ILE D 122 -31.66 13.78 -3.17
N PRO D 123 -32.77 13.27 -3.69
CA PRO D 123 -34.04 14.01 -3.56
C PRO D 123 -34.34 14.23 -2.09
N ASP D 124 -34.60 15.48 -1.70
CA ASP D 124 -34.75 15.64 -0.26
C ASP D 124 -36.07 15.09 0.25
N ASP D 125 -36.96 14.65 -0.65
CA ASP D 125 -37.95 13.64 -0.26
C ASP D 125 -37.29 12.39 0.31
N LEU D 126 -35.97 12.25 0.14
CA LEU D 126 -35.13 11.21 0.74
C LEU D 126 -35.73 9.83 0.65
#